data_3KWP
#
_entry.id   3KWP
#
_cell.length_a   64.275
_cell.length_b   79.206
_cell.length_c   54.132
_cell.angle_alpha   90.00
_cell.angle_beta   90.00
_cell.angle_gamma   90.00
#
_symmetry.space_group_name_H-M   'P 21 21 2'
#
loop_
_entity.id
_entity.type
_entity.pdbx_description
1 polymer 'Predicted methyltransferase'
2 non-polymer 2-AMINO-2-HYDROXYMETHYL-PROPANE-1,3-DIOL
3 water water
#
_entity_poly.entity_id   1
_entity_poly.type   'polypeptide(L)'
_entity_poly.pdbx_seq_one_letter_code
;QGH(MSE)EQQRSFQTETGGHLYLVPTPIGNLDD(MSE)TFRAVKTLTAVDLIAAEDTRNTQKLLNHFEITTKQISFHEH
NTQERIPQLIAKLKQG(MSE)QIAQVSDAG(MSE)PSISDPGHELVNACIDAHIPVVPLPGANAGLTALIASGLAPQPFY
FYGFLDRKPKDRKAEIAGLAQRPETLIFYEAPHRLKKTLQNLAAGFGDERPAVLCRELTKRYEEFLRGSLAELANWAATD
TVRGEFVVLVGGNPAPTTAATTAVDLSEPIDVQVDRLIAAGEKPNDAIKEVAKLRGAKKQEIYRQYHHLDEE
;
_entity_poly.pdbx_strand_id   A
#
# COMPACT_ATOMS: atom_id res chain seq x y z
N THR A 14 31.07 -8.68 4.09
CA THR A 14 29.64 -8.40 4.48
C THR A 14 28.68 -9.43 3.87
N GLY A 15 27.94 -10.13 4.75
CA GLY A 15 26.96 -11.11 4.33
C GLY A 15 25.89 -10.49 3.46
N GLY A 16 25.12 -11.35 2.80
CA GLY A 16 23.96 -10.92 2.06
C GLY A 16 22.92 -10.34 3.02
N HIS A 17 22.30 -9.25 2.58
CA HIS A 17 21.29 -8.52 3.30
C HIS A 17 20.20 -8.27 2.26
N LEU A 18 18.94 -8.49 2.62
CA LEU A 18 17.82 -7.97 1.84
C LEU A 18 17.33 -6.60 2.39
N TYR A 19 17.35 -5.59 1.53
CA TYR A 19 16.85 -4.23 1.83
C TYR A 19 15.47 -4.04 1.28
N LEU A 20 14.50 -3.72 2.14
CA LEU A 20 13.14 -3.35 1.70
C LEU A 20 13.09 -1.84 1.49
N VAL A 21 12.98 -1.37 0.25
CA VAL A 21 13.02 0.06 -0.07
C VAL A 21 11.66 0.61 -0.58
N PRO A 22 11.06 1.54 0.18
CA PRO A 22 9.82 2.24 -0.23
C PRO A 22 10.12 3.21 -1.36
N THR A 23 9.16 3.35 -2.26
CA THR A 23 9.34 4.27 -3.38
C THR A 23 8.17 5.27 -3.34
N PRO A 24 8.28 6.39 -4.06
CA PRO A 24 7.23 7.42 -4.02
C PRO A 24 5.81 6.90 -4.34
N ILE A 25 4.77 7.64 -3.98
CA ILE A 25 3.41 7.24 -4.39
C ILE A 25 2.82 8.27 -5.32
N GLY A 26 3.69 8.76 -6.21
CA GLY A 26 3.30 9.72 -7.21
C GLY A 26 4.04 11.04 -7.17
N ASN A 27 4.87 11.27 -6.15
CA ASN A 27 5.79 12.43 -6.09
C ASN A 27 7.22 11.98 -5.89
N LEU A 28 8.06 12.23 -6.90
CA LEU A 28 9.46 11.79 -6.88
C LEU A 28 10.35 12.30 -5.73
N ASP A 29 10.01 13.45 -5.17
CA ASP A 29 10.69 13.99 -4.00
C ASP A 29 10.29 13.27 -2.70
N ASP A 30 9.30 12.39 -2.75
CA ASP A 30 9.03 11.59 -1.57
C ASP A 30 10.02 10.46 -1.40
N THR A 32 13.74 9.04 -0.28
CA THR A 32 14.67 9.39 0.81
C THR A 32 16.11 9.32 0.31
N PHE A 33 17.00 10.06 0.95
CA PHE A 33 18.44 9.98 0.69
C PHE A 33 19.02 8.55 0.77
N ARG A 34 18.50 7.80 1.73
CA ARG A 34 18.98 6.45 2.03
C ARG A 34 18.41 5.51 1.01
N ALA A 35 17.24 5.84 0.49
CA ALA A 35 16.66 5.03 -0.55
C ALA A 35 17.55 5.13 -1.78
N VAL A 36 17.90 6.35 -2.22
CA VAL A 36 18.85 6.58 -3.31
C VAL A 36 20.17 5.83 -3.08
N LYS A 37 20.80 6.03 -1.92
CA LYS A 37 22.11 5.41 -1.63
C LYS A 37 22.02 3.90 -1.66
N THR A 38 20.96 3.34 -1.04
CA THR A 38 20.75 1.90 -0.96
C THR A 38 20.54 1.32 -2.34
N LEU A 39 19.64 1.90 -3.14
CA LEU A 39 19.45 1.38 -4.49
C LEU A 39 20.73 1.56 -5.33
N THR A 40 21.55 2.58 -5.04
CA THR A 40 22.85 2.72 -5.73
C THR A 40 23.83 1.64 -5.28
N ALA A 41 23.72 1.24 -4.02
CA ALA A 41 24.77 0.42 -3.42
C ALA A 41 24.58 -1.09 -3.62
N VAL A 42 23.33 -1.57 -3.56
CA VAL A 42 23.07 -2.99 -3.76
C VAL A 42 23.60 -3.48 -5.13
N ASP A 43 23.77 -4.79 -5.27
CA ASP A 43 24.22 -5.39 -6.52
C ASP A 43 23.04 -5.62 -7.48
N LEU A 44 21.83 -5.72 -6.94
CA LEU A 44 20.64 -6.09 -7.71
C LEU A 44 19.37 -5.55 -7.06
N ILE A 45 18.39 -5.14 -7.87
CA ILE A 45 17.12 -4.66 -7.34
C ILE A 45 16.02 -5.56 -7.85
N ALA A 46 15.27 -6.18 -6.94
CA ALA A 46 14.09 -7.00 -7.28
C ALA A 46 12.78 -6.17 -7.34
N ALA A 47 12.27 -5.92 -8.54
CA ALA A 47 11.10 -5.02 -8.70
C ALA A 47 9.86 -5.71 -9.26
N GLU A 48 8.70 -5.26 -8.79
CA GLU A 48 7.40 -5.69 -9.34
C GLU A 48 7.22 -5.34 -10.82
N ASP A 49 7.69 -4.14 -11.20
CA ASP A 49 7.56 -3.66 -12.56
C ASP A 49 8.83 -2.95 -12.94
N THR A 50 9.75 -3.71 -13.54
CA THR A 50 11.02 -3.16 -13.97
C THR A 50 10.95 -1.98 -14.91
N ARG A 51 9.96 -1.96 -15.81
N ARG A 51 9.97 -1.95 -15.81
CA ARG A 51 9.79 -0.83 -16.73
CA ARG A 51 9.84 -0.80 -16.70
C ARG A 51 9.43 0.44 -15.97
C ARG A 51 9.46 0.45 -15.93
N ASN A 52 8.49 0.32 -15.03
CA ASN A 52 8.07 1.43 -14.21
C ASN A 52 9.20 1.85 -13.23
N THR A 53 9.74 0.85 -12.51
CA THR A 53 10.91 1.07 -11.67
C THR A 53 12.12 1.69 -12.41
N GLN A 54 12.35 1.34 -13.67
CA GLN A 54 13.51 1.86 -14.41
C GLN A 54 13.43 3.37 -14.57
N LYS A 55 12.21 3.90 -14.55
CA LYS A 55 11.98 5.34 -14.70
C LYS A 55 12.50 6.08 -13.46
N LEU A 56 12.14 5.54 -12.30
CA LEU A 56 12.63 6.04 -11.04
C LEU A 56 14.18 6.06 -10.92
N LEU A 57 14.83 4.98 -11.35
CA LEU A 57 16.28 4.87 -11.27
C LEU A 57 16.98 5.85 -12.21
N ASN A 58 16.40 6.05 -13.40
CA ASN A 58 16.97 7.03 -14.31
C ASN A 58 16.94 8.42 -13.72
N HIS A 59 15.82 8.76 -13.08
CA HIS A 59 15.66 10.12 -12.58
C HIS A 59 16.64 10.37 -11.47
N PHE A 60 16.98 9.33 -10.71
CA PHE A 60 18.07 9.47 -9.73
C PHE A 60 19.45 9.01 -10.20
N GLU A 61 19.56 8.69 -11.49
CA GLU A 61 20.82 8.20 -12.08
C GLU A 61 21.39 6.93 -11.41
N ILE A 62 20.51 6.06 -10.91
CA ILE A 62 20.92 4.74 -10.41
C ILE A 62 21.06 3.75 -11.56
N THR A 63 22.20 3.03 -11.62
CA THR A 63 22.51 2.11 -12.71
C THR A 63 22.40 0.63 -12.29
N THR A 64 22.03 0.41 -11.06
CA THR A 64 21.88 -0.95 -10.59
C THR A 64 20.95 -1.76 -11.50
N LYS A 65 21.37 -2.99 -11.78
CA LYS A 65 20.56 -3.94 -12.53
C LYS A 65 19.32 -4.33 -11.74
N GLN A 66 18.27 -4.68 -12.48
CA GLN A 66 17.03 -5.12 -11.91
C GLN A 66 16.73 -6.57 -12.26
N ILE A 67 15.88 -7.17 -11.43
CA ILE A 67 15.29 -8.46 -11.71
C ILE A 67 13.80 -8.41 -11.35
N SER A 68 12.96 -8.96 -12.21
CA SER A 68 11.54 -8.85 -11.99
C SER A 68 11.15 -9.73 -10.84
N PHE A 69 10.22 -9.26 -10.04
CA PHE A 69 9.75 -10.06 -8.95
C PHE A 69 8.34 -9.64 -8.60
N HIS A 70 7.42 -10.57 -8.77
CA HIS A 70 5.99 -10.30 -8.62
C HIS A 70 5.27 -11.62 -8.38
N GLU A 71 3.94 -11.59 -8.37
CA GLU A 71 3.12 -12.73 -7.95
C GLU A 71 3.07 -13.90 -8.94
N HIS A 72 3.53 -13.68 -10.16
CA HIS A 72 3.63 -14.77 -11.11
C HIS A 72 5.04 -15.34 -11.17
N ASN A 73 5.88 -14.89 -10.24
CA ASN A 73 7.32 -15.10 -10.30
C ASN A 73 7.88 -15.78 -9.08
N THR A 74 7.11 -15.73 -7.99
CA THR A 74 7.66 -15.97 -6.66
C THR A 74 8.31 -17.32 -6.50
N GLN A 75 7.66 -18.36 -7.02
CA GLN A 75 8.13 -19.73 -6.82
C GLN A 75 9.43 -20.01 -7.57
N GLU A 76 9.72 -19.20 -8.57
CA GLU A 76 10.93 -19.34 -9.33
C GLU A 76 11.97 -18.36 -8.80
N ARG A 77 11.51 -17.14 -8.48
CA ARG A 77 12.40 -16.04 -8.08
C ARG A 77 12.98 -16.13 -6.66
N ILE A 78 12.19 -16.63 -5.70
CA ILE A 78 12.61 -16.63 -4.31
C ILE A 78 13.89 -17.46 -4.10
N PRO A 79 13.90 -18.73 -4.54
CA PRO A 79 15.11 -19.55 -4.50
C PRO A 79 16.30 -18.93 -5.24
N GLN A 80 16.06 -18.29 -6.38
CA GLN A 80 17.15 -17.57 -7.07
C GLN A 80 17.70 -16.45 -6.21
N LEU A 81 16.82 -15.78 -5.46
CA LEU A 81 17.23 -14.60 -4.71
C LEU A 81 17.97 -14.99 -3.46
N ILE A 82 17.39 -15.93 -2.72
CA ILE A 82 18.03 -16.53 -1.56
C ILE A 82 19.45 -17.00 -1.88
N ALA A 83 19.60 -17.74 -2.98
CA ALA A 83 20.91 -18.23 -3.43
C ALA A 83 21.95 -17.12 -3.59
N LYS A 84 21.59 -16.04 -4.27
CA LYS A 84 22.50 -14.91 -4.43
C LYS A 84 22.79 -14.24 -3.08
N LEU A 85 21.79 -14.22 -2.19
CA LEU A 85 22.01 -13.67 -0.85
C LEU A 85 23.01 -14.54 -0.04
N LYS A 86 22.83 -15.87 -0.07
CA LYS A 86 23.76 -16.78 0.62
C LYS A 86 25.17 -16.70 0.06
N GLN A 87 25.30 -16.19 -1.16
CA GLN A 87 26.61 -15.97 -1.80
C GLN A 87 27.21 -14.66 -1.35
N GLY A 88 26.41 -13.84 -0.66
CA GLY A 88 26.88 -12.57 -0.14
C GLY A 88 26.42 -11.34 -0.89
N GLN A 90 24.22 -8.17 -2.07
CA GLN A 90 23.35 -7.14 -1.50
C GLN A 90 22.19 -6.89 -2.46
N ILE A 91 20.98 -7.21 -2.03
CA ILE A 91 19.79 -7.05 -2.86
C ILE A 91 18.73 -6.13 -2.25
N ALA A 92 18.08 -5.33 -3.11
CA ALA A 92 16.95 -4.50 -2.69
C ALA A 92 15.66 -4.99 -3.33
N GLN A 93 14.58 -4.99 -2.55
CA GLN A 93 13.26 -5.24 -3.08
C GLN A 93 12.44 -3.95 -2.99
N VAL A 94 11.82 -3.57 -4.12
CA VAL A 94 10.92 -2.39 -4.23
C VAL A 94 9.61 -2.82 -4.86
N SER A 95 8.51 -2.18 -4.47
CA SER A 95 7.21 -2.40 -5.13
C SER A 95 6.93 -1.29 -6.13
N ASP A 96 5.76 -1.33 -6.74
CA ASP A 96 5.46 -0.34 -7.75
C ASP A 96 5.29 1.06 -7.16
N ALA A 97 4.72 1.12 -5.95
CA ALA A 97 4.53 2.37 -5.21
C ALA A 97 4.54 2.20 -3.68
N GLY A 98 5.30 3.06 -3.01
CA GLY A 98 5.38 3.09 -1.55
C GLY A 98 6.16 1.99 -0.83
N PRO A 100 7.08 -1.65 0.23
CA PRO A 100 7.13 -3.04 -0.24
C PRO A 100 6.93 -4.02 0.90
N SER A 101 6.54 -5.25 0.54
CA SER A 101 6.46 -6.38 1.47
C SER A 101 5.30 -6.25 2.42
N ILE A 102 4.39 -5.34 2.10
CA ILE A 102 3.09 -5.40 2.72
C ILE A 102 2.29 -6.50 1.98
N SER A 103 2.53 -6.62 0.68
CA SER A 103 1.85 -7.62 -0.15
C SER A 103 2.54 -8.97 -0.04
N ASP A 104 1.86 -10.00 -0.53
CA ASP A 104 2.33 -11.38 -0.49
C ASP A 104 3.73 -11.67 -1.10
N PRO A 105 4.00 -11.24 -2.36
CA PRO A 105 5.29 -11.68 -2.93
C PRO A 105 6.50 -11.18 -2.13
N GLY A 106 6.44 -9.94 -1.64
CA GLY A 106 7.48 -9.39 -0.76
C GLY A 106 7.53 -10.07 0.61
N HIS A 107 6.37 -10.14 1.28
CA HIS A 107 6.24 -10.83 2.56
C HIS A 107 6.81 -12.24 2.52
N GLU A 108 6.48 -12.98 1.47
CA GLU A 108 7.02 -14.29 1.18
C GLU A 108 8.54 -14.32 1.03
N LEU A 109 9.15 -13.34 0.35
CA LEU A 109 10.60 -13.31 0.26
C LEU A 109 11.23 -13.00 1.65
N VAL A 110 10.57 -12.15 2.43
CA VAL A 110 11.05 -11.84 3.77
C VAL A 110 11.13 -13.08 4.66
N ASN A 111 10.05 -13.90 4.72
CA ASN A 111 10.05 -15.15 5.44
C ASN A 111 11.11 -16.14 4.99
N ALA A 112 11.41 -16.16 3.70
CA ALA A 112 12.45 -17.03 3.22
C ALA A 112 13.77 -16.54 3.77
N CYS A 113 13.95 -15.23 3.87
CA CYS A 113 15.19 -14.65 4.45
C CYS A 113 15.37 -14.97 5.92
N ILE A 114 14.27 -14.84 6.66
CA ILE A 114 14.29 -15.17 8.08
C ILE A 114 14.63 -16.65 8.23
N ASP A 115 14.11 -17.48 7.33
CA ASP A 115 14.34 -18.92 7.40
C ASP A 115 15.78 -19.27 7.06
N ALA A 116 16.37 -18.56 6.12
CA ALA A 116 17.74 -18.80 5.73
C ALA A 116 18.72 -17.94 6.51
N HIS A 117 18.24 -17.27 7.57
CA HIS A 117 19.07 -16.39 8.40
C HIS A 117 19.82 -15.34 7.61
N ILE A 118 19.15 -14.75 6.62
CA ILE A 118 19.65 -13.57 5.94
C ILE A 118 19.06 -12.33 6.62
N PRO A 119 19.87 -11.30 6.92
CA PRO A 119 19.25 -10.14 7.55
C PRO A 119 18.28 -9.40 6.59
N VAL A 120 17.26 -8.74 7.13
CA VAL A 120 16.30 -7.96 6.34
C VAL A 120 16.33 -6.56 6.90
N VAL A 121 16.70 -5.56 6.08
CA VAL A 121 16.84 -4.17 6.56
C VAL A 121 15.64 -3.40 5.92
N PRO A 122 14.61 -3.08 6.72
CA PRO A 122 13.53 -2.28 6.14
C PRO A 122 13.87 -0.79 6.23
N LEU A 123 13.81 -0.06 5.12
CA LEU A 123 13.98 1.39 5.13
C LEU A 123 12.65 2.06 5.40
N PRO A 124 12.64 3.14 6.18
CA PRO A 124 11.32 3.77 6.39
C PRO A 124 10.97 4.55 5.12
N GLY A 125 9.67 4.83 4.88
CA GLY A 125 9.29 5.49 3.61
C GLY A 125 7.80 5.60 3.37
N ALA A 126 7.40 6.06 2.17
CA ALA A 126 5.97 6.34 1.86
C ALA A 126 4.98 5.16 2.09
N ASN A 127 3.88 5.43 2.78
CA ASN A 127 2.74 4.50 2.90
C ASN A 127 1.48 5.33 2.81
N ALA A 128 0.69 5.11 1.77
CA ALA A 128 -0.48 5.92 1.48
C ALA A 128 -1.50 5.88 2.61
N GLY A 129 -1.76 4.71 3.18
CA GLY A 129 -2.83 4.64 4.22
C GLY A 129 -2.53 5.52 5.44
N LEU A 130 -1.30 5.45 5.94
CA LEU A 130 -0.88 6.26 7.09
C LEU A 130 -0.70 7.76 6.80
N THR A 131 -0.10 8.08 5.64
CA THR A 131 -0.03 9.46 5.18
C THR A 131 -1.39 10.14 5.09
N ALA A 132 -2.37 9.46 4.51
CA ALA A 132 -3.74 9.99 4.53
C ALA A 132 -4.19 10.14 5.98
N LEU A 133 -3.97 9.12 6.79
CA LEU A 133 -4.55 9.05 8.13
C LEU A 133 -4.23 10.32 8.87
N ILE A 134 -2.99 10.77 8.82
CA ILE A 134 -2.62 11.90 9.68
C ILE A 134 -3.33 13.21 9.32
N ALA A 135 -3.80 13.33 8.08
CA ALA A 135 -4.54 14.53 7.67
C ALA A 135 -6.06 14.35 7.69
N SER A 136 -6.54 13.18 8.11
CA SER A 136 -7.93 12.87 7.87
C SER A 136 -8.83 13.68 8.80
N GLY A 137 -8.39 13.86 10.05
CA GLY A 137 -9.24 14.48 11.10
C GLY A 137 -9.92 13.37 11.87
N LEU A 138 -9.76 12.14 11.39
CA LEU A 138 -10.11 10.96 12.17
C LEU A 138 -9.05 10.62 13.24
N ALA A 139 -9.50 10.04 14.35
CA ALA A 139 -8.60 9.67 15.46
C ALA A 139 -7.55 8.72 14.89
N PRO A 140 -6.26 9.15 14.87
CA PRO A 140 -5.24 8.37 14.18
C PRO A 140 -4.59 7.20 14.99
N GLN A 141 -5.04 6.95 16.21
CA GLN A 141 -4.40 5.99 17.08
C GLN A 141 -5.44 5.52 18.09
N PRO A 142 -5.72 4.20 18.25
CA PRO A 142 -5.35 2.97 17.54
C PRO A 142 -5.91 3.02 16.14
N PHE A 143 -5.38 2.18 15.25
CA PHE A 143 -5.90 2.12 13.90
C PHE A 143 -5.71 0.79 13.24
N TYR A 144 -6.55 0.53 12.25
CA TYR A 144 -6.64 -0.80 11.70
C TYR A 144 -6.48 -0.68 10.22
N PHE A 145 -5.30 -1.01 9.71
CA PHE A 145 -5.07 -0.89 8.27
C PHE A 145 -5.54 -2.18 7.58
N TYR A 146 -6.42 -2.04 6.60
CA TYR A 146 -7.01 -3.22 5.96
C TYR A 146 -6.61 -3.40 4.51
N GLY A 147 -6.62 -2.31 3.76
CA GLY A 147 -6.27 -2.34 2.34
C GLY A 147 -7.51 -2.46 1.48
N PHE A 148 -7.42 -3.27 0.43
CA PHE A 148 -8.56 -3.50 -0.45
C PHE A 148 -9.58 -4.43 0.18
N LEU A 149 -10.84 -4.01 0.11
CA LEU A 149 -11.93 -4.95 0.36
C LEU A 149 -12.02 -5.98 -0.75
N ASP A 150 -12.75 -7.05 -0.48
CA ASP A 150 -12.79 -8.21 -1.36
C ASP A 150 -13.27 -7.83 -2.77
N ARG A 151 -12.70 -8.51 -3.76
CA ARG A 151 -13.10 -8.35 -5.15
C ARG A 151 -14.51 -8.89 -5.36
N LYS A 152 -14.79 -10.08 -4.83
CA LYS A 152 -16.10 -10.74 -5.00
C LYS A 152 -17.20 -10.06 -4.18
N PRO A 153 -18.21 -9.54 -4.88
CA PRO A 153 -19.34 -8.80 -4.28
C PRO A 153 -19.91 -9.38 -2.98
N LYS A 154 -20.23 -10.69 -3.00
CA LYS A 154 -20.76 -11.42 -1.82
C LYS A 154 -19.80 -11.43 -0.62
N ASP A 155 -18.51 -11.58 -0.91
CA ASP A 155 -17.46 -11.69 0.11
C ASP A 155 -17.13 -10.35 0.76
N ARG A 156 -17.46 -9.25 0.08
CA ARG A 156 -17.22 -7.88 0.56
C ARG A 156 -18.29 -7.48 1.58
N LYS A 157 -19.55 -7.58 1.21
CA LYS A 157 -20.66 -7.25 2.11
C LYS A 157 -20.51 -7.96 3.47
N ALA A 158 -19.93 -9.16 3.46
CA ALA A 158 -19.74 -9.96 4.67
C ALA A 158 -18.53 -9.53 5.52
N GLU A 159 -17.40 -9.20 4.89
CA GLU A 159 -16.21 -8.77 5.63
C GLU A 159 -16.37 -7.39 6.28
N ILE A 160 -17.25 -6.60 5.69
CA ILE A 160 -17.68 -5.32 6.23
C ILE A 160 -18.52 -5.54 7.51
N ALA A 161 -19.57 -6.37 7.45
CA ALA A 161 -20.39 -6.65 8.63
C ALA A 161 -19.56 -7.15 9.83
N GLY A 162 -18.52 -7.91 9.52
CA GLY A 162 -17.63 -8.47 10.55
C GLY A 162 -16.61 -7.48 11.06
N LEU A 163 -16.75 -6.23 10.66
CA LEU A 163 -15.86 -5.15 11.07
C LEU A 163 -16.68 -3.99 11.63
N ALA A 164 -17.98 -4.19 11.79
CA ALA A 164 -18.81 -3.02 12.02
C ALA A 164 -18.72 -2.59 13.47
N GLN A 165 -18.04 -3.41 14.27
CA GLN A 165 -17.91 -3.16 15.69
C GLN A 165 -16.53 -2.70 16.10
N ARG A 166 -15.53 -2.82 15.21
CA ARG A 166 -14.17 -2.31 15.51
C ARG A 166 -14.44 -0.90 16.02
N PRO A 167 -13.83 -0.51 17.17
CA PRO A 167 -14.02 0.88 17.59
C PRO A 167 -12.99 1.88 17.05
N GLU A 168 -11.95 1.42 16.33
CA GLU A 168 -10.90 2.33 15.81
C GLU A 168 -11.11 2.81 14.38
N THR A 169 -10.40 3.89 14.02
CA THR A 169 -10.29 4.27 12.63
C THR A 169 -9.85 3.06 11.78
N LEU A 170 -10.54 2.87 10.65
CA LEU A 170 -10.25 1.79 9.70
C LEU A 170 -9.77 2.39 8.40
N ILE A 171 -8.82 1.70 7.75
CA ILE A 171 -8.20 2.27 6.53
C ILE A 171 -8.35 1.26 5.42
N PHE A 172 -8.98 1.68 4.32
CA PHE A 172 -9.12 0.81 3.16
C PHE A 172 -8.47 1.47 1.95
N TYR A 173 -8.20 0.69 0.92
CA TYR A 173 -7.91 1.24 -0.40
C TYR A 173 -9.03 0.82 -1.36
N GLU A 174 -9.25 1.64 -2.39
CA GLU A 174 -10.22 1.27 -3.42
C GLU A 174 -9.80 1.81 -4.77
N ALA A 175 -10.09 1.01 -5.79
CA ALA A 175 -9.86 1.38 -7.17
C ALA A 175 -11.03 2.30 -7.60
N PRO A 176 -10.77 3.30 -8.47
CA PRO A 176 -11.81 4.26 -8.90
C PRO A 176 -13.15 3.66 -9.38
N HIS A 177 -13.11 2.73 -10.30
CA HIS A 177 -14.36 2.16 -10.83
C HIS A 177 -15.19 1.43 -9.74
N ARG A 178 -14.61 1.20 -8.57
CA ARG A 178 -15.28 0.44 -7.52
C ARG A 178 -15.69 1.30 -6.35
N LEU A 179 -15.25 2.56 -6.35
CA LEU A 179 -15.49 3.45 -5.20
C LEU A 179 -16.96 3.61 -4.80
N LYS A 180 -17.84 3.87 -5.77
CA LYS A 180 -19.26 4.06 -5.49
C LYS A 180 -19.90 2.90 -4.75
N LYS A 181 -19.74 1.70 -5.31
CA LYS A 181 -20.39 0.51 -4.76
C LYS A 181 -19.84 0.13 -3.37
N THR A 182 -18.54 0.31 -3.18
CA THR A 182 -17.91 0.04 -1.91
C THR A 182 -18.33 1.06 -0.86
N LEU A 183 -18.57 2.31 -1.24
CA LEU A 183 -19.03 3.29 -0.26
C LEU A 183 -20.45 2.91 0.20
N GLN A 184 -21.25 2.40 -0.73
CA GLN A 184 -22.65 2.05 -0.45
C GLN A 184 -22.72 0.88 0.52
N ASN A 185 -22.00 -0.19 0.21
CA ASN A 185 -21.83 -1.32 1.12
C ASN A 185 -21.31 -0.89 2.50
N LEU A 186 -20.29 -0.04 2.52
CA LEU A 186 -19.79 0.53 3.79
C LEU A 186 -20.93 1.16 4.60
N ALA A 187 -21.79 1.92 3.91
CA ALA A 187 -22.88 2.61 4.56
C ALA A 187 -23.99 1.63 4.96
N ALA A 188 -24.15 0.56 4.19
CA ALA A 188 -25.14 -0.47 4.50
C ALA A 188 -24.75 -1.26 5.73
N GLY A 189 -23.46 -1.54 5.89
CA GLY A 189 -23.00 -2.44 6.94
C GLY A 189 -22.58 -1.72 8.21
N PHE A 190 -22.19 -0.45 8.08
CA PHE A 190 -21.77 0.37 9.22
C PHE A 190 -22.84 1.37 9.72
N GLY A 191 -23.74 1.78 8.82
CA GLY A 191 -24.67 2.90 9.07
C GLY A 191 -24.28 4.14 8.25
N ASP A 192 -25.28 4.81 7.70
CA ASP A 192 -25.12 5.94 6.77
C ASP A 192 -24.36 7.09 7.42
N GLU A 193 -24.56 7.23 8.73
N GLU A 193 -24.57 7.27 8.72
CA GLU A 193 -24.08 8.35 9.51
CA GLU A 193 -24.03 8.41 9.47
C GLU A 193 -22.70 8.16 10.12
C GLU A 193 -22.53 8.30 9.72
N ARG A 194 -22.02 7.08 9.74
CA ARG A 194 -20.64 6.81 10.13
C ARG A 194 -19.65 7.76 9.44
N PRO A 195 -18.82 8.47 10.22
CA PRO A 195 -17.91 9.47 9.58
C PRO A 195 -16.84 8.79 8.77
N ALA A 196 -16.41 9.43 7.69
CA ALA A 196 -15.46 8.82 6.79
C ALA A 196 -14.70 9.89 6.05
N VAL A 197 -13.63 9.51 5.36
CA VAL A 197 -12.83 10.46 4.61
C VAL A 197 -12.23 9.73 3.42
N LEU A 198 -12.20 10.37 2.26
CA LEU A 198 -11.61 9.86 1.04
C LEU A 198 -10.34 10.68 0.76
N CYS A 199 -9.28 10.02 0.33
CA CYS A 199 -8.08 10.75 -0.03
C CYS A 199 -7.77 10.35 -1.44
N ARG A 200 -7.90 11.34 -2.29
CA ARG A 200 -7.78 11.18 -3.73
C ARG A 200 -6.44 11.85 -4.07
N GLU A 201 -5.71 11.25 -4.99
CA GLU A 201 -4.50 11.85 -5.60
C GLU A 201 -3.40 12.24 -4.58
N LEU A 202 -3.25 11.42 -3.56
CA LEU A 202 -2.27 11.71 -2.51
C LEU A 202 -0.91 11.96 -3.08
N THR A 203 -0.35 13.13 -2.73
CA THR A 203 1.02 13.60 -3.04
C THR A 203 1.16 14.17 -4.40
N LYS A 204 0.06 14.20 -5.15
CA LYS A 204 0.08 14.81 -6.48
C LYS A 204 -0.63 16.19 -6.56
N ARG A 205 -0.45 16.86 -7.70
CA ARG A 205 -1.04 18.20 -7.92
C ARG A 205 -2.46 18.39 -7.33
N TYR A 206 -3.35 17.45 -7.60
CA TYR A 206 -4.72 17.69 -7.23
C TYR A 206 -5.15 16.83 -6.08
N GLU A 207 -4.21 16.62 -5.16
CA GLU A 207 -4.44 15.92 -3.93
C GLU A 207 -5.65 16.48 -3.19
N GLU A 208 -6.50 15.63 -2.63
CA GLU A 208 -7.74 16.15 -2.09
C GLU A 208 -8.35 15.26 -1.02
N PHE A 209 -8.77 15.84 0.09
CA PHE A 209 -9.46 15.06 1.08
C PHE A 209 -10.92 15.47 1.04
N LEU A 210 -11.82 14.49 1.07
CA LEU A 210 -13.23 14.75 1.08
C LEU A 210 -13.74 14.12 2.37
N ARG A 211 -14.32 14.93 3.25
CA ARG A 211 -14.70 14.45 4.58
C ARG A 211 -16.18 14.55 4.71
N GLY A 212 -16.80 13.51 5.25
CA GLY A 212 -18.20 13.55 5.55
C GLY A 212 -18.70 12.18 5.94
N SER A 213 -20.01 12.00 5.98
CA SER A 213 -20.57 10.70 6.34
C SER A 213 -20.47 9.76 5.14
N LEU A 214 -20.70 8.47 5.38
CA LEU A 214 -20.58 7.47 4.33
C LEU A 214 -21.70 7.66 3.30
N ALA A 215 -22.94 7.80 3.76
CA ALA A 215 -24.03 8.12 2.84
C ALA A 215 -23.60 9.33 1.99
N GLU A 216 -23.19 10.42 2.63
CA GLU A 216 -22.74 11.61 1.89
C GLU A 216 -21.69 11.32 0.85
N LEU A 217 -20.74 10.44 1.14
CA LEU A 217 -19.64 10.23 0.19
C LEU A 217 -19.99 9.22 -0.88
N ALA A 218 -20.88 8.26 -0.55
CA ALA A 218 -21.39 7.33 -1.56
C ALA A 218 -22.11 8.12 -2.66
N ASN A 219 -22.99 9.04 -2.23
CA ASN A 219 -23.68 9.98 -3.13
C ASN A 219 -22.75 10.75 -4.01
N TRP A 220 -21.70 11.32 -3.42
CA TRP A 220 -20.80 12.12 -4.19
C TRP A 220 -20.12 11.26 -5.26
N ALA A 221 -19.80 10.00 -4.93
CA ALA A 221 -19.14 9.10 -5.87
C ALA A 221 -19.96 8.81 -7.13
N ALA A 222 -21.29 8.79 -6.99
CA ALA A 222 -22.21 8.62 -8.11
C ALA A 222 -22.36 9.86 -9.02
N THR A 223 -21.96 11.02 -8.56
CA THR A 223 -22.11 12.25 -9.33
C THR A 223 -20.82 12.68 -10.04
N ASP A 224 -19.68 12.13 -9.63
CA ASP A 224 -18.44 12.64 -10.19
C ASP A 224 -17.61 11.66 -10.99
N THR A 225 -16.89 12.24 -11.95
CA THR A 225 -15.67 11.71 -12.55
C THR A 225 -14.76 11.10 -11.47
N VAL A 226 -14.71 9.78 -11.39
CA VAL A 226 -13.88 9.17 -10.36
C VAL A 226 -12.61 8.66 -11.02
N ARG A 227 -11.48 9.25 -10.63
CA ARG A 227 -10.19 8.86 -11.21
C ARG A 227 -9.18 8.61 -10.09
N GLY A 228 -8.18 7.78 -10.40
CA GLY A 228 -7.05 7.49 -9.49
C GLY A 228 -7.43 6.64 -8.31
N GLU A 229 -6.43 6.05 -7.64
CA GLU A 229 -6.71 5.20 -6.48
C GLU A 229 -7.05 6.09 -5.26
N PHE A 230 -7.96 5.57 -4.45
CA PHE A 230 -8.43 6.31 -3.29
C PHE A 230 -7.94 5.61 -2.05
N VAL A 231 -7.58 6.40 -1.03
CA VAL A 231 -7.60 5.89 0.33
C VAL A 231 -9.01 6.16 0.92
N VAL A 232 -9.59 5.19 1.60
CA VAL A 232 -10.94 5.40 2.14
C VAL A 232 -10.78 5.15 3.60
N LEU A 233 -10.90 6.22 4.43
CA LEU A 233 -10.80 6.13 5.91
C LEU A 233 -12.18 6.18 6.60
N VAL A 234 -12.39 5.42 7.65
CA VAL A 234 -13.80 5.25 8.23
C VAL A 234 -13.68 5.29 9.76
N GLY A 235 -14.38 6.21 10.42
CA GLY A 235 -14.27 6.30 11.86
C GLY A 235 -14.84 5.00 12.45
N GLY A 236 -14.39 4.67 13.68
CA GLY A 236 -14.78 3.47 14.34
C GLY A 236 -16.17 3.59 14.88
N ASN A 237 -16.73 2.46 15.25
CA ASN A 237 -18.02 2.43 15.87
C ASN A 237 -17.92 3.19 17.19
N PRO A 238 -18.79 4.20 17.38
CA PRO A 238 -18.80 4.97 18.64
C PRO A 238 -19.54 4.29 19.78
N ALA A 239 -20.13 3.12 19.54
CA ALA A 239 -20.63 2.24 20.64
C ALA A 239 -20.75 0.73 20.27
N PRO A 240 -19.61 0.00 20.20
CA PRO A 240 -19.54 -1.46 19.83
C PRO A 240 -20.37 -2.52 20.58
N THR A 241 -20.41 -3.73 20.00
CA THR A 241 -20.87 -4.98 20.62
C THR A 241 -22.39 -5.15 20.65
#